data_9LT8
#
_entry.id   9LT8
#
_cell.length_a   47.046
_cell.length_b   48.373
_cell.length_c   75.240
_cell.angle_alpha   90.00
_cell.angle_beta   93.08
_cell.angle_gamma   90.00
#
_symmetry.space_group_name_H-M   'P 1 21 1'
#
loop_
_entity.id
_entity.type
_entity.pdbx_description
1 polymer '2-nitropropane dioxygenase'
2 non-polymer 'FLAVIN MONONUCLEOTIDE'
3 non-polymer 'IRON/SULFUR CLUSTER'
4 non-polymer 3-bromanyl-N-[5-[[3-(dimethylamino)phenyl]sulfamoyl]-1,3,4-thiadiazol-2-yl]benzamide
5 water water
#
_entity_poly.entity_id   1
_entity_poly.type   'polypeptide(L)'
_entity_poly.pdbx_seq_one_letter_code
;MKHHHHHHHMVSTLKPLKIGKHTIKFPIFQGGMGVGISWDELAGNVAKEGALGVISAVGTGYYKNMRFVERIVAKKPFEA
LNFYSKKALNEIFANARKICGNNPLGANILYAINDYGRVLRDSCEAGANIIITGAGLPTNMPEFAKDFSDVALIPIISSA
KALKILCKRWSDRYKRIPDAFIVEGPLSGGHQGFKYEDCFKEEFRLENLVPKVVEASKEWGNIPIIAAGGIWDRKDIDTM
LSLGASGVQMATRFLGTKECDAKVYADLLPTLKKEDILLIKSPVGYPARAINTGVIKRIEEGNAPKIACVSNCVAPCNRG
EEAKKVGYCIADGLGRSYLGNREEGLYFTGANGYRVDKIISVHELIKELTEG
;
_entity_poly.pdbx_strand_id   A
#
loop_
_chem_comp.id
_chem_comp.type
_chem_comp.name
_chem_comp.formula
A1ELH non-polymer 3-bromanyl-N-[5-[[3-(dimethylamino)phenyl]sulfamoyl]-1,3,4-thiadiazol-2-yl]benzamide 'C17 H16 Br N5 O3 S2'
FMN non-polymer 'FLAVIN MONONUCLEOTIDE' 'C17 H21 N4 O9 P'
SF4 non-polymer 'IRON/SULFUR CLUSTER' 'Fe4 S4'
#
# COMPACT_ATOMS: atom_id res chain seq x y z
N MET A 1 30.21 9.16 8.60
CA MET A 1 31.00 8.07 9.14
C MET A 1 31.05 6.89 8.18
N LYS A 2 30.70 7.22 6.94
CA LYS A 2 30.66 6.23 5.83
C LYS A 2 29.38 5.41 5.94
N HIS A 3 29.18 4.72 7.05
CA HIS A 3 28.10 3.76 7.20
C HIS A 3 27.51 3.88 8.59
N HIS A 4 26.26 4.27 8.64
CA HIS A 4 25.52 4.33 9.88
C HIS A 4 24.81 3.00 10.11
N HIS A 5 24.92 2.44 11.31
CA HIS A 5 24.38 1.12 11.60
C HIS A 5 23.32 1.19 12.71
N HIS A 6 22.73 0.02 12.98
CA HIS A 6 21.62 -0.01 13.92
C HIS A 6 22.04 0.24 15.36
N HIS A 7 23.33 0.19 15.65
CA HIS A 7 23.76 0.54 17.00
C HIS A 7 24.03 2.02 17.16
N HIS A 8 24.13 2.72 16.05
CA HIS A 8 24.34 4.17 15.96
C HIS A 8 23.10 5.00 16.32
N HIS A 9 23.28 6.02 17.14
CA HIS A 9 22.25 7.03 17.35
C HIS A 9 22.11 8.02 16.16
N MET A 10 21.00 8.77 16.22
CA MET A 10 20.69 9.75 15.21
C MET A 10 19.70 10.73 15.83
N VAL A 11 19.89 12.02 15.57
CA VAL A 11 19.01 13.02 16.15
C VAL A 11 18.03 13.47 15.07
N SER A 12 16.77 13.61 15.47
CA SER A 12 15.68 13.98 14.56
C SER A 12 14.86 15.02 15.28
N THR A 13 14.34 15.97 14.51
CA THR A 13 13.31 16.83 15.07
C THR A 13 11.92 16.36 14.69
N LEU A 14 11.79 15.25 13.97
CA LEU A 14 10.46 14.69 13.83
C LEU A 14 10.03 14.06 15.17
N LYS A 15 8.74 14.15 15.45
CA LYS A 15 8.10 13.76 16.71
C LYS A 15 7.36 12.43 16.60
N PRO A 16 7.37 11.62 17.66
CA PRO A 16 6.58 10.39 17.64
C PRO A 16 5.11 10.67 17.35
N LEU A 17 4.47 9.69 16.73
CA LEU A 17 3.09 9.78 16.24
C LEU A 17 2.21 8.75 16.92
N LYS A 18 1.08 9.18 17.46
CA LYS A 18 0.18 8.23 18.11
C LYS A 18 -0.98 7.94 17.16
N ILE A 19 -1.24 6.64 16.93
CA ILE A 19 -2.33 6.20 16.07
C ILE A 19 -3.14 5.25 16.96
N GLY A 20 -4.34 5.67 17.39
CA GLY A 20 -5.03 4.86 18.39
C GLY A 20 -4.18 4.62 19.63
N LYS A 21 -4.07 3.34 20.02
CA LYS A 21 -3.30 2.92 21.19
C LYS A 21 -1.82 2.74 20.91
N HIS A 22 -1.39 2.97 19.66
CA HIS A 22 -0.06 2.62 19.16
C HIS A 22 0.77 3.87 18.90
N THR A 23 2.04 3.83 19.27
CA THR A 23 2.96 4.94 18.99
C THR A 23 4.05 4.51 18.02
N ILE A 24 4.30 5.30 16.97
CA ILE A 24 5.48 5.06 16.14
C ILE A 24 6.49 6.17 16.34
N LYS A 25 7.77 5.82 16.28
CA LYS A 25 8.80 6.80 16.62
C LYS A 25 8.90 7.92 15.59
N PHE A 26 8.64 7.61 14.32
CA PHE A 26 8.69 8.63 13.29
C PHE A 26 7.34 8.70 12.60
N PRO A 27 6.91 9.84 12.22
CA PRO A 27 5.57 10.03 11.65
C PRO A 27 5.54 9.64 10.18
N ILE A 28 6.00 8.44 9.88
CA ILE A 28 6.17 7.94 8.53
C ILE A 28 5.56 6.54 8.46
N PHE A 29 4.68 6.32 7.50
CA PHE A 29 4.24 4.97 7.12
C PHE A 29 4.95 4.56 5.84
N GLN A 30 5.43 3.32 5.80
CA GLN A 30 5.74 2.70 4.50
C GLN A 30 4.43 2.18 3.92
N GLY A 31 4.01 2.71 2.78
CA GLY A 31 2.72 2.33 2.20
C GLY A 31 2.68 0.87 1.78
N GLY A 32 1.55 0.22 2.01
CA GLY A 32 1.39 -1.14 1.55
C GLY A 32 1.49 -1.26 0.04
N MET A 33 2.04 -2.38 -0.44
CA MET A 33 2.30 -2.52 -1.86
C MET A 33 2.02 -3.98 -2.27
N GLY A 34 1.02 -4.22 -3.11
CA GLY A 34 0.77 -5.59 -3.60
C GLY A 34 1.20 -5.75 -5.06
N VAL A 35 1.41 -6.97 -5.56
CA VAL A 35 1.39 -8.23 -4.79
C VAL A 35 2.83 -8.63 -4.36
N GLY A 36 3.03 -8.95 -3.08
CA GLY A 36 4.32 -9.49 -2.63
C GLY A 36 5.40 -8.46 -2.60
N ILE A 37 5.03 -7.19 -2.64
CA ILE A 37 6.04 -6.12 -2.62
C ILE A 37 6.40 -5.71 -1.21
N SER A 38 5.41 -5.45 -0.36
CA SER A 38 5.66 -5.13 1.06
C SER A 38 5.17 -6.29 1.93
N TRP A 39 6.03 -7.30 2.04
CA TRP A 39 5.78 -8.39 2.97
C TRP A 39 6.81 -8.34 4.12
N ASP A 40 7.34 -9.48 4.59
CA ASP A 40 8.02 -9.53 5.90
C ASP A 40 9.37 -8.81 5.90
N GLU A 41 10.17 -8.93 4.84
CA GLU A 41 11.49 -8.31 4.85
C GLU A 41 11.37 -6.79 4.83
N LEU A 42 10.47 -6.27 3.99
CA LEU A 42 10.33 -4.82 3.91
C LEU A 42 9.66 -4.28 5.17
N ALA A 43 8.46 -4.78 5.47
CA ALA A 43 7.73 -4.22 6.60
C ALA A 43 8.44 -4.45 7.93
N GLY A 44 9.03 -5.63 8.13
CA GLY A 44 9.76 -5.86 9.37
C GLY A 44 10.93 -4.91 9.54
N ASN A 45 11.68 -4.66 8.45
CA ASN A 45 12.81 -3.74 8.60
C ASN A 45 12.34 -2.30 8.77
N VAL A 46 11.28 -1.89 8.07
CA VAL A 46 10.75 -0.53 8.30
C VAL A 46 10.37 -0.34 9.78
N ALA A 47 9.64 -1.32 10.35
CA ALA A 47 9.20 -1.16 11.74
C ALA A 47 10.40 -1.17 12.69
N LYS A 48 11.42 -1.95 12.35
CA LYS A 48 12.64 -1.97 13.16
C LYS A 48 13.22 -0.56 13.24
N GLU A 49 13.09 0.22 12.16
CA GLU A 49 13.65 1.57 12.20
C GLU A 49 12.78 2.61 12.87
N GLY A 50 11.58 2.26 13.33
CA GLY A 50 10.74 3.17 14.09
C GLY A 50 9.67 3.85 13.26
N ALA A 51 9.56 3.51 11.98
CA ALA A 51 8.43 3.92 11.15
C ALA A 51 7.41 2.80 11.13
N LEU A 52 6.24 3.06 10.56
CA LEU A 52 5.22 2.02 10.46
C LEU A 52 5.51 1.14 9.25
N GLY A 53 5.87 -0.11 9.50
CA GLY A 53 5.92 -1.08 8.42
C GLY A 53 4.51 -1.60 8.15
N VAL A 54 4.18 -1.76 6.87
CA VAL A 54 2.81 -2.15 6.46
C VAL A 54 2.88 -3.39 5.57
N ILE A 55 2.30 -4.50 6.03
CA ILE A 55 2.25 -5.74 5.26
C ILE A 55 1.04 -5.72 4.35
N SER A 56 1.24 -5.91 3.04
CA SER A 56 0.09 -6.06 2.15
C SER A 56 -0.58 -7.43 2.29
N ALA A 57 -1.89 -7.42 2.48
CA ALA A 57 -2.62 -8.67 2.64
C ALA A 57 -3.20 -9.17 1.33
N VAL A 58 -2.90 -8.51 0.21
CA VAL A 58 -3.42 -8.83 -1.12
C VAL A 58 -2.55 -9.90 -1.78
N GLY A 59 -3.16 -11.00 -2.22
CA GLY A 59 -2.42 -11.97 -3.02
C GLY A 59 -1.38 -12.74 -2.23
N THR A 60 -1.59 -12.86 -0.91
CA THR A 60 -0.66 -13.60 -0.04
C THR A 60 -0.55 -15.06 -0.45
N GLY A 61 -1.56 -15.60 -1.18
CA GLY A 61 -1.42 -16.93 -1.72
C GLY A 61 -0.17 -17.12 -2.55
N TYR A 62 0.32 -16.05 -3.17
CA TYR A 62 1.55 -16.16 -3.97
C TYR A 62 2.80 -16.33 -3.10
N TYR A 63 2.72 -16.02 -1.80
CA TYR A 63 3.90 -16.10 -0.92
C TYR A 63 4.63 -17.42 -1.06
N LYS A 64 5.93 -17.30 -1.32
CA LYS A 64 6.80 -18.48 -1.39
C LYS A 64 6.26 -19.48 -2.41
N ASN A 65 5.77 -18.95 -3.51
CA ASN A 65 5.28 -19.71 -4.66
C ASN A 65 4.16 -20.65 -4.21
N MET A 66 3.14 -20.05 -3.61
CA MET A 66 1.95 -20.79 -3.16
C MET A 66 2.23 -21.88 -2.14
N ARG A 67 3.13 -21.55 -1.20
CA ARG A 67 3.37 -22.47 -0.09
C ARG A 67 2.11 -22.75 0.71
N PHE A 68 1.21 -21.78 0.82
CA PHE A 68 0.09 -21.86 1.74
C PHE A 68 -1.22 -21.81 0.97
N VAL A 69 -1.37 -22.56 -0.09
CA VAL A 69 -2.66 -22.50 -0.77
C VAL A 69 -3.15 -23.93 -0.73
N GLU A 70 -4.48 -24.09 -0.82
CA GLU A 70 -5.07 -25.43 -0.86
C GLU A 70 -5.25 -25.94 -2.27
N ARG A 71 -5.43 -25.05 -3.23
CA ARG A 71 -5.66 -25.46 -4.61
C ARG A 71 -5.05 -24.43 -5.54
N ILE A 72 -4.35 -24.95 -6.54
CA ILE A 72 -3.68 -24.18 -7.58
C ILE A 72 -4.26 -24.57 -8.93
N VAL A 73 -4.60 -23.59 -9.74
CA VAL A 73 -5.00 -23.85 -11.12
C VAL A 73 -4.14 -22.97 -12.02
N ALA A 74 -3.46 -23.59 -13.00
CA ALA A 74 -2.64 -22.83 -13.96
C ALA A 74 -1.63 -21.93 -13.26
N LYS A 75 -1.02 -22.49 -12.21
CA LYS A 75 -0.01 -21.81 -11.39
C LYS A 75 -0.55 -20.60 -10.64
N LYS A 76 -1.87 -20.51 -10.46
CA LYS A 76 -2.47 -19.38 -9.75
C LYS A 76 -3.18 -19.90 -8.51
N PRO A 77 -3.25 -19.11 -7.42
CA PRO A 77 -4.11 -19.49 -6.29
C PRO A 77 -5.59 -19.59 -6.67
N PHE A 78 -6.24 -20.69 -6.28
CA PHE A 78 -7.63 -20.90 -6.69
C PHE A 78 -8.57 -20.16 -5.74
N GLU A 79 -9.33 -19.25 -6.28
CA GLU A 79 -10.37 -18.45 -5.61
C GLU A 79 -9.85 -17.52 -4.52
N ALA A 80 -10.74 -16.69 -3.96
CA ALA A 80 -10.25 -15.68 -3.03
C ALA A 80 -9.73 -16.27 -1.72
N LEU A 81 -10.27 -17.43 -1.29
CA LEU A 81 -9.77 -18.09 -0.10
C LEU A 81 -8.27 -18.34 -0.19
N ASN A 82 -7.79 -18.69 -1.38
CA ASN A 82 -6.35 -18.95 -1.50
C ASN A 82 -5.58 -17.73 -1.96
N PHE A 83 -6.20 -16.85 -2.74
CA PHE A 83 -5.51 -15.62 -3.13
C PHE A 83 -5.22 -14.75 -1.90
N TYR A 84 -6.19 -14.62 -1.01
CA TYR A 84 -5.99 -13.97 0.29
C TYR A 84 -5.81 -15.06 1.32
N SER A 85 -4.58 -15.57 1.41
CA SER A 85 -4.30 -16.77 2.21
C SER A 85 -4.03 -16.42 3.68
N LYS A 86 -4.89 -16.93 4.58
CA LYS A 86 -4.72 -16.70 6.02
C LYS A 86 -3.39 -17.24 6.54
N LYS A 87 -3.01 -18.48 6.14
CA LYS A 87 -1.77 -19.09 6.66
C LYS A 87 -0.56 -18.31 6.20
N ALA A 88 -0.58 -17.88 4.93
CA ALA A 88 0.52 -17.06 4.45
C ALA A 88 0.61 -15.74 5.19
N LEU A 89 -0.53 -15.08 5.40
CA LEU A 89 -0.50 -13.81 6.11
C LEU A 89 0.05 -14.02 7.52
N ASN A 90 -0.35 -15.13 8.18
CA ASN A 90 0.18 -15.43 9.52
C ASN A 90 1.70 -15.59 9.51
N GLU A 91 2.23 -16.30 8.50
CA GLU A 91 3.67 -16.52 8.43
C GLU A 91 4.37 -15.21 8.10
N ILE A 92 3.79 -14.40 7.23
CA ILE A 92 4.41 -13.12 6.90
C ILE A 92 4.51 -12.25 8.15
N PHE A 93 3.42 -12.15 8.93
CA PHE A 93 3.51 -11.35 10.15
C PHE A 93 4.52 -11.92 11.13
N ALA A 94 4.52 -13.24 11.32
CA ALA A 94 5.48 -13.82 12.25
C ALA A 94 6.90 -13.53 11.81
N ASN A 95 7.16 -13.70 10.50
CA ASN A 95 8.52 -13.43 10.00
C ASN A 95 8.90 -11.97 10.14
N ALA A 96 7.96 -11.05 9.92
CA ALA A 96 8.29 -9.63 10.16
C ALA A 96 8.66 -9.39 11.63
N ARG A 97 7.92 -10.03 12.56
CA ARG A 97 8.19 -9.82 13.99
C ARG A 97 9.55 -10.41 14.40
N LYS A 98 10.04 -11.42 13.67
CA LYS A 98 11.40 -11.87 14.00
C LYS A 98 12.38 -10.70 13.89
N ILE A 99 12.11 -9.74 12.99
CA ILE A 99 12.96 -8.56 12.77
C ILE A 99 12.59 -7.40 13.70
N CYS A 100 11.29 -7.07 13.82
CA CYS A 100 10.89 -5.83 14.47
C CYS A 100 10.28 -6.04 15.84
N GLY A 101 10.10 -7.29 16.22
CA GLY A 101 9.48 -7.63 17.49
C GLY A 101 8.09 -7.05 17.60
N ASN A 102 7.77 -6.45 18.75
CA ASN A 102 6.44 -5.89 19.01
C ASN A 102 6.25 -4.46 18.48
N ASN A 103 7.21 -3.92 17.73
CA ASN A 103 7.05 -2.62 17.09
C ASN A 103 5.83 -2.64 16.17
N PRO A 104 5.04 -1.58 16.12
CA PRO A 104 3.78 -1.69 15.39
C PRO A 104 3.96 -1.99 13.89
N LEU A 105 3.01 -2.79 13.41
CA LEU A 105 2.83 -3.18 12.02
C LEU A 105 1.40 -2.95 11.59
N GLY A 106 1.26 -2.53 10.34
CA GLY A 106 -0.04 -2.45 9.72
C GLY A 106 -0.25 -3.59 8.75
N ALA A 107 -1.52 -3.81 8.44
CA ALA A 107 -1.96 -4.64 7.33
C ALA A 107 -2.79 -3.81 6.39
N ASN A 108 -2.46 -3.85 5.10
CA ASN A 108 -3.21 -3.11 4.10
C ASN A 108 -4.14 -4.05 3.34
N ILE A 109 -5.43 -3.73 3.30
CA ILE A 109 -6.46 -4.56 2.65
C ILE A 109 -7.37 -3.66 1.86
N LEU A 110 -7.40 -3.80 0.53
CA LEU A 110 -8.35 -3.06 -0.33
C LEU A 110 -9.82 -3.42 -0.05
N TYR A 111 -10.68 -2.39 -0.06
CA TYR A 111 -12.10 -2.62 0.21
C TYR A 111 -12.85 -3.41 -0.86
N ALA A 112 -12.44 -3.28 -2.14
CA ALA A 112 -13.11 -3.87 -3.31
C ALA A 112 -13.07 -5.38 -3.45
N ILE A 113 -13.14 -6.08 -2.35
CA ILE A 113 -12.91 -7.50 -2.44
C ILE A 113 -14.05 -8.33 -2.00
N ASN A 114 -14.07 -9.46 -2.66
CA ASN A 114 -14.84 -10.50 -2.09
C ASN A 114 -14.12 -10.79 -0.78
N ASP A 115 -14.90 -11.18 0.21
CA ASP A 115 -14.39 -11.51 1.53
C ASP A 115 -13.73 -10.36 2.31
N TYR A 116 -14.11 -9.09 2.17
CA TYR A 116 -13.35 -8.04 2.89
C TYR A 116 -13.25 -8.33 4.39
N GLY A 117 -14.39 -8.61 5.03
CA GLY A 117 -14.42 -8.83 6.45
C GLY A 117 -13.55 -10.01 6.88
N ARG A 118 -13.54 -11.05 6.06
CA ARG A 118 -12.71 -12.20 6.40
C ARG A 118 -11.24 -11.82 6.39
N VAL A 119 -10.81 -11.05 5.40
CA VAL A 119 -9.39 -10.69 5.35
C VAL A 119 -9.02 -9.70 6.47
N LEU A 120 -9.93 -8.78 6.80
CA LEU A 120 -9.68 -7.91 7.95
C LEU A 120 -9.52 -8.73 9.22
N ARG A 121 -10.45 -9.67 9.47
CA ARG A 121 -10.32 -10.47 10.68
C ARG A 121 -9.03 -11.28 10.64
N ASP A 122 -8.68 -11.82 9.47
CA ASP A 122 -7.41 -12.55 9.32
C ASP A 122 -6.22 -11.70 9.70
N SER A 123 -6.23 -10.43 9.27
CA SER A 123 -5.13 -9.52 9.57
C SER A 123 -5.03 -9.26 11.06
N CYS A 124 -6.18 -9.07 11.70
CA CYS A 124 -6.16 -8.93 13.15
C CYS A 124 -5.62 -10.17 13.84
N GLU A 125 -6.07 -11.36 13.39
CA GLU A 125 -5.62 -12.62 14.00
C GLU A 125 -4.14 -12.89 13.74
N ALA A 126 -3.61 -12.32 12.64
CA ALA A 126 -2.20 -12.46 12.35
C ALA A 126 -1.34 -11.51 13.16
N GLY A 127 -1.93 -10.63 13.95
CA GLY A 127 -1.18 -9.75 14.82
C GLY A 127 -1.04 -8.30 14.37
N ALA A 128 -1.78 -7.88 13.32
CA ALA A 128 -1.70 -6.49 12.91
C ALA A 128 -2.13 -5.56 14.04
N ASN A 129 -1.41 -4.43 14.20
CA ASN A 129 -1.78 -3.36 15.14
C ASN A 129 -2.73 -2.37 14.50
N ILE A 130 -2.67 -2.27 13.17
CA ILE A 130 -3.34 -1.21 12.42
C ILE A 130 -3.84 -1.87 11.12
N ILE A 131 -5.08 -1.57 10.71
CA ILE A 131 -5.60 -1.95 9.40
C ILE A 131 -5.75 -0.69 8.57
N ILE A 132 -5.25 -0.74 7.33
CA ILE A 132 -5.33 0.36 6.39
C ILE A 132 -6.14 -0.11 5.17
N THR A 133 -7.15 0.65 4.77
CA THR A 133 -8.03 0.23 3.66
C THR A 133 -8.44 1.37 2.74
N GLY A 134 -8.12 1.23 1.47
CA GLY A 134 -8.60 2.07 0.40
C GLY A 134 -9.32 1.35 -0.71
N ALA A 135 -9.19 1.92 -1.92
CA ALA A 135 -9.85 1.42 -3.13
C ALA A 135 -11.34 1.21 -2.83
N GLY A 136 -11.96 2.24 -2.30
CA GLY A 136 -13.36 2.11 -1.92
C GLY A 136 -13.61 3.02 -0.73
N LEU A 137 -14.87 3.01 -0.31
CA LEU A 137 -15.29 3.76 0.88
C LEU A 137 -15.59 2.81 2.05
N PRO A 138 -14.66 2.60 2.99
CA PRO A 138 -14.76 1.46 3.94
C PRO A 138 -15.59 1.83 5.17
N THR A 139 -16.91 1.92 4.97
CA THR A 139 -17.83 2.38 6.00
C THR A 139 -18.04 1.38 7.15
N ASN A 140 -17.64 0.14 6.98
CA ASN A 140 -17.86 -0.87 8.00
C ASN A 140 -16.62 -1.51 8.62
N MET A 141 -15.45 -0.89 8.57
CA MET A 141 -14.32 -1.60 9.16
C MET A 141 -14.53 -2.05 10.62
N PRO A 142 -15.15 -1.28 11.49
CA PRO A 142 -15.34 -1.79 12.86
C PRO A 142 -16.23 -3.01 12.97
N GLU A 143 -17.13 -3.24 12.01
CA GLU A 143 -17.96 -4.45 12.03
C GLU A 143 -17.12 -5.69 12.24
N PHE A 144 -15.97 -5.76 11.59
CA PHE A 144 -15.14 -6.94 11.52
C PHE A 144 -14.05 -6.90 12.57
N ALA A 145 -13.82 -5.71 13.16
CA ALA A 145 -12.74 -5.53 14.12
C ALA A 145 -13.21 -5.67 15.57
N LYS A 146 -14.50 -5.94 15.81
CA LYS A 146 -15.01 -5.76 17.15
C LYS A 146 -14.41 -6.75 18.16
N ASP A 147 -13.87 -7.87 17.72
CA ASP A 147 -13.18 -8.74 18.66
C ASP A 147 -11.73 -8.36 18.90
N PHE A 148 -11.26 -7.28 18.30
CA PHE A 148 -9.87 -6.83 18.39
C PHE A 148 -9.81 -5.34 18.69
N SER A 149 -10.27 -4.94 19.86
CA SER A 149 -10.50 -3.52 20.12
C SER A 149 -9.24 -2.66 20.13
N ASP A 150 -8.06 -3.25 20.26
CA ASP A 150 -6.78 -2.52 20.19
C ASP A 150 -6.33 -2.15 18.78
N VAL A 151 -6.87 -2.79 17.73
CA VAL A 151 -6.38 -2.56 16.37
C VAL A 151 -6.91 -1.24 15.88
N ALA A 152 -5.99 -0.37 15.44
CA ALA A 152 -6.40 0.93 14.94
C ALA A 152 -6.84 0.77 13.49
N LEU A 153 -7.81 1.59 13.09
CA LEU A 153 -8.44 1.49 11.78
C LEU A 153 -8.27 2.80 11.02
N ILE A 154 -7.75 2.69 9.78
CA ILE A 154 -7.37 3.83 8.97
C ILE A 154 -7.89 3.73 7.54
N PRO A 155 -8.96 4.44 7.19
CA PRO A 155 -9.35 4.55 5.78
C PRO A 155 -8.39 5.42 4.99
N ILE A 156 -8.25 5.06 3.72
CA ILE A 156 -7.61 5.89 2.73
C ILE A 156 -8.69 6.62 1.93
N ILE A 157 -8.56 7.94 1.79
CA ILE A 157 -9.54 8.79 1.14
C ILE A 157 -8.81 9.69 0.14
N SER A 158 -9.59 10.27 -0.78
CA SER A 158 -8.98 11.22 -1.69
C SER A 158 -9.69 12.57 -1.68
N SER A 159 -10.56 12.82 -0.70
CA SER A 159 -11.27 14.09 -0.57
C SER A 159 -11.72 14.30 0.88
N ALA A 160 -11.95 15.57 1.22
CA ALA A 160 -12.56 15.93 2.50
C ALA A 160 -13.99 15.37 2.64
N LYS A 161 -14.74 15.39 1.54
CA LYS A 161 -16.07 14.80 1.53
C LYS A 161 -16.08 13.39 2.11
N ALA A 162 -15.16 12.53 1.64
CA ALA A 162 -15.12 11.15 2.11
C ALA A 162 -14.84 11.07 3.60
N LEU A 163 -13.95 11.92 4.11
CA LEU A 163 -13.69 11.94 5.55
C LEU A 163 -14.98 12.18 6.31
N LYS A 164 -15.76 13.19 5.87
CA LYS A 164 -16.99 13.52 6.60
C LYS A 164 -17.96 12.36 6.55
N ILE A 165 -18.11 11.75 5.38
CA ILE A 165 -19.04 10.63 5.24
C ILE A 165 -18.62 9.47 6.13
N LEU A 166 -17.33 9.11 6.07
CA LEU A 166 -16.85 7.98 6.88
C LEU A 166 -17.06 8.22 8.36
N CYS A 167 -16.73 9.42 8.85
CA CYS A 167 -16.89 9.67 10.28
C CYS A 167 -18.35 9.60 10.69
N LYS A 168 -19.24 10.25 9.92
CA LYS A 168 -20.69 10.15 10.23
C LYS A 168 -21.14 8.68 10.26
N ARG A 169 -20.79 7.90 9.23
CA ARG A 169 -21.38 6.58 9.16
C ARG A 169 -20.82 5.68 10.26
N TRP A 170 -19.50 5.77 10.53
CA TRP A 170 -18.92 5.03 11.65
C TRP A 170 -19.49 5.47 12.99
N SER A 171 -19.61 6.79 13.22
CA SER A 171 -20.07 7.27 14.51
C SER A 171 -21.47 6.80 14.78
N ASP A 172 -22.34 6.93 13.77
CA ASP A 172 -23.72 6.53 13.95
C ASP A 172 -23.84 5.05 14.22
N ARG A 173 -23.06 4.20 13.53
CA ARG A 173 -23.46 2.80 13.72
C ARG A 173 -22.57 2.07 14.70
N TYR A 174 -21.33 2.53 14.96
CA TYR A 174 -20.44 1.80 15.87
C TYR A 174 -20.03 2.60 17.09
N LYS A 175 -20.52 3.85 17.25
CA LYS A 175 -20.01 4.82 18.22
C LYS A 175 -18.50 4.84 18.30
N ARG A 176 -17.86 4.80 17.13
CA ARG A 176 -16.42 4.84 16.97
C ARG A 176 -16.15 5.69 15.73
N ILE A 177 -15.01 6.35 15.70
CA ILE A 177 -14.62 7.00 14.44
C ILE A 177 -13.20 6.57 14.11
N PRO A 178 -12.75 6.80 12.90
CA PRO A 178 -11.41 6.31 12.53
C PRO A 178 -10.30 6.85 13.41
N ASP A 179 -9.26 6.05 13.53
CA ASP A 179 -8.08 6.46 14.28
C ASP A 179 -7.15 7.39 13.51
N ALA A 180 -7.20 7.36 12.19
CA ALA A 180 -6.46 8.29 11.34
C ALA A 180 -7.09 8.19 9.96
N PHE A 181 -6.72 9.11 9.07
CA PHE A 181 -7.05 9.01 7.64
C PHE A 181 -5.79 9.22 6.84
N ILE A 182 -5.60 8.42 5.79
CA ILE A 182 -4.58 8.71 4.79
C ILE A 182 -5.26 9.38 3.61
N VAL A 183 -4.80 10.56 3.23
CA VAL A 183 -5.25 11.22 2.01
C VAL A 183 -4.23 10.98 0.92
N GLU A 184 -4.61 10.22 -0.12
CA GLU A 184 -3.73 9.82 -1.22
C GLU A 184 -3.94 10.63 -2.49
N GLY A 185 -2.91 11.39 -2.92
CA GLY A 185 -3.00 12.20 -4.13
C GLY A 185 -2.65 11.48 -5.44
N PRO A 186 -2.81 12.16 -6.58
CA PRO A 186 -2.69 11.50 -7.89
C PRO A 186 -1.28 11.25 -8.39
N LEU A 187 -0.25 11.52 -7.59
CA LEU A 187 1.10 11.14 -7.99
C LEU A 187 1.52 9.81 -7.41
N SER A 188 0.60 9.13 -6.75
CA SER A 188 0.88 7.92 -5.99
C SER A 188 1.21 6.72 -6.87
N GLY A 189 1.71 5.67 -6.19
CA GLY A 189 1.85 4.38 -6.85
C GLY A 189 0.54 3.55 -6.80
N GLY A 190 0.47 2.53 -7.67
CA GLY A 190 -0.73 1.71 -7.66
C GLY A 190 -1.89 2.50 -8.23
N HIS A 191 -3.07 2.21 -7.70
CA HIS A 191 -4.36 2.78 -8.14
C HIS A 191 -4.57 4.19 -7.62
N GLN A 192 -5.16 5.05 -8.46
CA GLN A 192 -5.46 6.43 -8.08
C GLN A 192 -6.93 6.57 -7.63
N GLY A 193 -7.20 7.44 -6.66
CA GLY A 193 -8.59 7.67 -6.25
C GLY A 193 -9.23 8.82 -7.01
N PHE A 194 -8.77 9.01 -8.23
CA PHE A 194 -9.24 10.08 -9.12
C PHE A 194 -9.49 9.51 -10.51
N LYS A 195 -10.49 10.02 -11.20
CA LYS A 195 -10.58 9.74 -12.64
C LYS A 195 -9.34 10.23 -13.37
N TYR A 196 -8.99 9.54 -14.48
CA TYR A 196 -7.79 9.86 -15.24
C TYR A 196 -7.70 11.36 -15.54
N GLU A 197 -8.80 11.95 -15.99
CA GLU A 197 -8.71 13.37 -16.32
C GLU A 197 -8.51 14.23 -15.08
N ASP A 198 -8.71 13.68 -13.88
CA ASP A 198 -8.48 14.57 -12.76
C ASP A 198 -7.12 14.39 -12.17
N CYS A 199 -6.33 13.46 -12.71
CA CYS A 199 -5.04 13.13 -12.13
C CYS A 199 -4.01 14.17 -12.55
N PHE A 200 -4.38 15.07 -13.46
CA PHE A 200 -3.43 16.07 -13.91
C PHE A 200 -3.90 17.48 -13.59
N LYS A 201 -5.01 17.61 -12.87
CA LYS A 201 -5.62 18.89 -12.50
C LYS A 201 -5.03 19.44 -11.20
N GLU A 202 -4.62 20.71 -11.19
CA GLU A 202 -3.94 21.27 -10.02
C GLU A 202 -4.82 21.26 -8.77
N GLU A 203 -6.14 21.28 -8.98
CA GLU A 203 -7.14 21.21 -7.92
C GLU A 203 -6.90 20.04 -7.00
N PHE A 204 -6.41 18.94 -7.58
CA PHE A 204 -6.27 17.68 -6.86
C PHE A 204 -4.83 17.36 -6.46
N ARG A 205 -3.91 18.31 -6.57
CA ARG A 205 -2.58 18.05 -6.07
C ARG A 205 -2.62 17.90 -4.56
N LEU A 206 -1.71 17.09 -4.03
CA LEU A 206 -1.79 16.68 -2.64
C LEU A 206 -1.74 17.91 -1.71
N GLU A 207 -0.92 18.91 -2.08
CA GLU A 207 -0.82 20.12 -1.25
C GLU A 207 -2.12 20.91 -1.17
N ASN A 208 -3.01 20.75 -2.15
CA ASN A 208 -4.34 21.35 -2.07
C ASN A 208 -5.29 20.48 -1.26
N LEU A 209 -5.16 19.16 -1.36
CA LEU A 209 -6.06 18.25 -0.65
C LEU A 209 -5.82 18.29 0.85
N VAL A 210 -4.56 18.31 1.25
CA VAL A 210 -4.25 18.15 2.68
C VAL A 210 -4.91 19.22 3.53
N PRO A 211 -4.80 20.52 3.23
CA PRO A 211 -5.49 21.51 4.10
C PRO A 211 -6.99 21.29 4.18
N LYS A 212 -7.62 20.88 3.08
CA LYS A 212 -9.07 20.65 3.10
C LYS A 212 -9.44 19.49 4.01
N VAL A 213 -8.63 18.42 3.99
CA VAL A 213 -8.91 17.25 4.81
C VAL A 213 -8.65 17.56 6.28
N VAL A 214 -7.54 18.25 6.58
CA VAL A 214 -7.22 18.68 7.94
C VAL A 214 -8.35 19.55 8.51
N GLU A 215 -8.85 20.49 7.69
CA GLU A 215 -9.98 21.32 8.11
C GLU A 215 -11.21 20.48 8.41
N ALA A 216 -11.53 19.52 7.53
CA ALA A 216 -12.69 18.68 7.79
C ALA A 216 -12.48 17.86 9.07
N SER A 217 -11.22 17.55 9.38
CA SER A 217 -10.95 16.67 10.52
C SER A 217 -11.14 17.40 11.83
N LYS A 218 -11.13 18.73 11.78
CA LYS A 218 -11.31 19.50 13.00
C LYS A 218 -12.63 19.20 13.72
N GLU A 219 -13.76 19.17 12.97
CA GLU A 219 -15.07 18.87 13.57
C GLU A 219 -15.08 17.58 14.39
N TRP A 220 -14.21 16.61 14.06
CA TRP A 220 -14.25 15.29 14.67
C TRP A 220 -13.06 15.09 15.60
N GLY A 221 -12.50 16.18 16.10
CA GLY A 221 -11.49 16.11 17.12
C GLY A 221 -10.07 16.06 16.64
N ASN A 222 -9.80 16.52 15.42
CA ASN A 222 -8.43 16.54 14.86
C ASN A 222 -7.84 15.12 14.79
N ILE A 223 -8.57 14.21 14.19
CA ILE A 223 -8.10 12.89 13.81
C ILE A 223 -6.82 13.07 12.99
N PRO A 224 -5.75 12.34 13.29
CA PRO A 224 -4.50 12.56 12.53
C PRO A 224 -4.67 12.26 11.04
N ILE A 225 -4.14 13.16 10.20
CA ILE A 225 -4.15 13.06 8.75
C ILE A 225 -2.74 12.74 8.22
N ILE A 226 -2.66 11.68 7.40
CA ILE A 226 -1.43 11.16 6.84
C ILE A 226 -1.43 11.46 5.33
N ALA A 227 -0.47 12.27 4.85
CA ALA A 227 -0.43 12.67 3.44
C ALA A 227 0.32 11.62 2.62
N ALA A 228 -0.17 11.30 1.43
CA ALA A 228 0.53 10.28 0.66
C ALA A 228 0.42 10.61 -0.84
N GLY A 229 1.49 10.29 -1.59
CA GLY A 229 1.50 10.40 -3.05
C GLY A 229 2.44 11.49 -3.53
N GLY A 230 3.63 11.09 -4.00
CA GLY A 230 4.62 12.01 -4.52
C GLY A 230 5.59 12.61 -3.51
N ILE A 231 5.56 12.13 -2.26
CA ILE A 231 6.48 12.60 -1.22
C ILE A 231 7.78 11.84 -1.36
N TRP A 232 8.86 12.56 -1.63
CA TRP A 232 10.13 11.93 -1.98
C TRP A 232 11.19 12.01 -0.88
N ASP A 233 11.33 13.16 -0.22
CA ASP A 233 12.43 13.38 0.72
C ASP A 233 11.94 14.20 1.90
N ARG A 234 12.88 14.55 2.78
CA ARG A 234 12.53 15.27 4.01
C ARG A 234 11.88 16.61 3.67
N LYS A 235 12.30 17.28 2.57
CA LYS A 235 11.63 18.53 2.17
C LYS A 235 10.15 18.35 1.94
N ASP A 236 9.77 17.29 1.24
CA ASP A 236 8.36 17.03 0.98
C ASP A 236 7.63 16.68 2.27
N ILE A 237 8.29 15.91 3.14
CA ILE A 237 7.70 15.62 4.45
C ILE A 237 7.40 16.89 5.21
N ASP A 238 8.38 17.79 5.29
CA ASP A 238 8.19 19.02 6.04
C ASP A 238 7.08 19.87 5.45
N THR A 239 6.98 19.90 4.11
CA THR A 239 5.89 20.63 3.45
C THR A 239 4.54 20.12 3.91
N MET A 240 4.38 18.79 3.88
CA MET A 240 3.09 18.20 4.26
C MET A 240 2.78 18.45 5.71
N LEU A 241 3.76 18.30 6.60
CA LEU A 241 3.51 18.58 8.02
C LEU A 241 3.14 20.04 8.23
N SER A 242 3.77 20.93 7.47
CA SER A 242 3.45 22.35 7.63
C SER A 242 2.04 22.71 7.15
N LEU A 243 1.45 21.89 6.28
CA LEU A 243 0.08 22.03 5.83
C LEU A 243 -0.94 21.38 6.77
N GLY A 244 -0.49 20.79 7.88
CA GLY A 244 -1.37 20.25 8.89
C GLY A 244 -1.43 18.75 8.96
N ALA A 245 -0.79 18.04 8.03
CA ALA A 245 -0.70 16.58 8.17
C ALA A 245 0.06 16.24 9.45
N SER A 246 -0.37 15.14 10.11
CA SER A 246 0.35 14.59 11.26
C SER A 246 1.42 13.62 10.86
N GLY A 247 1.38 13.13 9.62
CA GLY A 247 2.45 12.24 9.19
C GLY A 247 2.33 12.06 7.70
N VAL A 248 3.24 11.23 7.15
CA VAL A 248 3.25 10.93 5.73
C VAL A 248 3.23 9.43 5.53
N GLN A 249 2.73 9.03 4.37
CA GLN A 249 2.89 7.68 3.88
C GLN A 249 3.66 7.72 2.57
N MET A 250 4.71 6.89 2.50
CA MET A 250 5.61 6.86 1.37
C MET A 250 5.79 5.42 0.89
N ALA A 251 5.76 5.20 -0.43
CA ALA A 251 5.93 3.84 -0.93
C ALA A 251 7.04 3.73 -1.96
N THR A 252 7.06 4.60 -2.98
CA THR A 252 8.06 4.48 -4.04
C THR A 252 9.49 4.47 -3.50
N ARG A 253 9.80 5.32 -2.49
CA ARG A 253 11.17 5.26 -1.94
C ARG A 253 11.49 3.86 -1.39
N PHE A 254 10.51 3.22 -0.74
CA PHE A 254 10.74 1.88 -0.19
C PHE A 254 10.74 0.80 -1.27
N LEU A 255 9.97 1.03 -2.35
CA LEU A 255 10.08 0.14 -3.49
C LEU A 255 11.52 0.05 -4.01
N GLY A 256 12.32 1.09 -3.78
CA GLY A 256 13.73 1.17 -4.16
C GLY A 256 14.72 0.77 -3.09
N THR A 257 14.29 -0.04 -2.11
CA THR A 257 15.21 -0.48 -1.07
C THR A 257 15.54 -1.96 -1.24
N LYS A 258 16.65 -2.35 -0.64
CA LYS A 258 17.13 -3.73 -0.76
C LYS A 258 16.11 -4.69 -0.19
N GLU A 259 15.45 -4.28 0.89
CA GLU A 259 14.57 -5.17 1.64
C GLU A 259 13.22 -5.42 1.00
N CYS A 260 12.91 -4.73 -0.10
CA CYS A 260 11.68 -4.95 -0.82
C CYS A 260 11.50 -6.44 -1.13
N ASP A 261 10.29 -6.98 -0.89
CA ASP A 261 10.10 -8.41 -1.03
C ASP A 261 9.95 -8.85 -2.48
N ALA A 262 9.69 -7.91 -3.38
CA ALA A 262 9.63 -8.19 -4.82
C ALA A 262 10.99 -7.80 -5.40
N LYS A 263 11.89 -8.79 -5.54
CA LYS A 263 13.28 -8.52 -5.84
C LYS A 263 13.50 -7.97 -7.25
N VAL A 264 12.52 -8.13 -8.14
CA VAL A 264 12.65 -7.57 -9.48
C VAL A 264 12.84 -6.06 -9.45
N TYR A 265 12.26 -5.38 -8.50
CA TYR A 265 12.28 -3.93 -8.55
C TYR A 265 13.70 -3.42 -8.38
N ALA A 266 14.57 -4.18 -7.69
CA ALA A 266 15.95 -3.69 -7.54
C ALA A 266 16.68 -3.65 -8.88
N ASP A 267 16.32 -4.53 -9.80
CA ASP A 267 16.83 -4.51 -11.17
C ASP A 267 16.13 -3.47 -12.05
N LEU A 268 14.81 -3.30 -11.88
CA LEU A 268 14.04 -2.57 -12.87
C LEU A 268 14.16 -1.07 -12.63
N LEU A 269 14.06 -0.66 -11.37
CA LEU A 269 13.98 0.77 -11.05
C LEU A 269 15.23 1.56 -11.45
N PRO A 270 16.47 1.07 -11.22
CA PRO A 270 17.63 1.86 -11.64
C PRO A 270 17.64 2.14 -13.15
N THR A 271 16.95 1.38 -13.98
CA THR A 271 16.86 1.65 -15.41
C THR A 271 15.70 2.56 -15.77
N LEU A 272 14.78 2.81 -14.83
CA LEU A 272 13.48 3.39 -15.19
C LEU A 272 13.49 4.86 -15.62
N LYS A 273 12.99 5.11 -16.83
CA LYS A 273 12.79 6.46 -17.34
C LYS A 273 11.38 6.98 -17.23
N LYS A 274 11.30 8.29 -17.01
CA LYS A 274 10.02 8.92 -16.79
C LYS A 274 9.05 8.63 -17.93
N GLU A 275 9.55 8.55 -19.16
CA GLU A 275 8.63 8.37 -20.28
C GLU A 275 7.96 7.00 -20.24
N ASP A 276 8.53 6.06 -19.45
CA ASP A 276 8.00 4.71 -19.40
C ASP A 276 7.06 4.52 -18.21
N ILE A 277 6.71 5.59 -17.49
CA ILE A 277 5.67 5.60 -16.44
C ILE A 277 4.36 6.13 -16.98
N LEU A 278 3.28 5.33 -16.94
CA LEU A 278 1.97 5.72 -17.49
C LEU A 278 0.83 5.38 -16.53
N LEU A 279 -0.31 5.97 -16.78
CA LEU A 279 -1.58 5.60 -16.16
C LEU A 279 -2.43 4.78 -17.12
N ILE A 280 -2.80 3.56 -16.68
CA ILE A 280 -3.48 2.54 -17.47
C ILE A 280 -4.81 2.25 -16.77
N LYS A 281 -5.69 1.59 -17.50
CA LYS A 281 -6.94 1.06 -16.91
C LYS A 281 -6.65 -0.17 -16.08
N SER A 282 -7.57 -0.52 -15.17
CA SER A 282 -7.37 -1.63 -14.28
C SER A 282 -8.69 -2.36 -14.10
N PRO A 283 -8.67 -3.67 -13.93
CA PRO A 283 -9.93 -4.38 -13.63
C PRO A 283 -10.49 -4.00 -12.29
N VAL A 284 -9.71 -3.38 -11.41
CA VAL A 284 -10.25 -2.86 -10.15
C VAL A 284 -11.17 -1.66 -10.38
N GLY A 285 -11.04 -0.97 -11.51
CA GLY A 285 -11.94 0.15 -11.79
C GLY A 285 -11.39 1.50 -11.43
N TYR A 286 -10.15 1.60 -11.04
CA TYR A 286 -9.49 2.88 -10.86
C TYR A 286 -8.27 2.91 -11.75
N PRO A 287 -7.84 4.06 -12.19
CA PRO A 287 -6.57 4.10 -12.93
C PRO A 287 -5.41 3.57 -12.09
N ALA A 288 -4.45 2.95 -12.79
CA ALA A 288 -3.28 2.42 -12.11
C ALA A 288 -2.05 3.00 -12.80
N ARG A 289 -1.07 3.37 -12.00
CA ARG A 289 0.18 3.88 -12.53
C ARG A 289 1.16 2.73 -12.66
N ALA A 290 1.65 2.52 -13.86
CA ALA A 290 2.40 1.30 -14.14
C ALA A 290 3.67 1.65 -14.91
N ILE A 291 4.54 0.65 -15.02
CA ILE A 291 5.75 0.79 -15.81
C ILE A 291 5.39 0.17 -17.17
N ASN A 292 5.76 0.83 -18.25
CA ASN A 292 5.50 0.33 -19.59
C ASN A 292 6.46 -0.81 -19.94
N THR A 293 6.19 -1.98 -19.39
CA THR A 293 7.04 -3.15 -19.56
C THR A 293 6.23 -4.39 -19.23
N GLY A 294 6.80 -5.56 -19.50
CA GLY A 294 6.10 -6.77 -19.10
C GLY A 294 4.79 -6.94 -19.85
N VAL A 295 3.75 -7.31 -19.11
CA VAL A 295 2.48 -7.61 -19.76
C VAL A 295 1.95 -6.45 -20.59
N ILE A 296 2.24 -5.19 -20.22
CA ILE A 296 1.71 -4.09 -21.00
C ILE A 296 2.30 -4.10 -22.40
N LYS A 297 3.61 -4.39 -22.50
CA LYS A 297 4.23 -4.53 -23.82
C LYS A 297 3.73 -5.77 -24.54
N ARG A 298 3.49 -6.86 -23.80
CA ARG A 298 3.00 -8.05 -24.47
C ARG A 298 1.61 -7.82 -25.06
N ILE A 299 0.76 -7.04 -24.37
CA ILE A 299 -0.54 -6.74 -24.95
C ILE A 299 -0.42 -5.98 -26.25
N GLU A 300 0.46 -4.99 -26.28
CA GLU A 300 0.62 -4.15 -27.46
C GLU A 300 1.09 -4.95 -28.64
N GLU A 301 1.95 -5.92 -28.38
CA GLU A 301 2.48 -6.78 -29.42
C GLU A 301 1.41 -7.76 -29.91
N GLY A 302 0.37 -8.02 -29.12
CA GLY A 302 -0.61 -9.00 -29.52
C GLY A 302 -0.21 -10.36 -28.99
N ASN A 303 0.58 -10.37 -27.91
CA ASN A 303 0.85 -11.66 -27.26
CA ASN A 303 1.03 -11.55 -27.20
C ASN A 303 0.43 -11.59 -25.80
N ALA A 304 -0.81 -11.15 -25.62
CA ALA A 304 -1.11 -11.04 -24.22
C ALA A 304 -1.42 -12.40 -23.60
N PRO A 305 -1.12 -12.54 -22.31
CA PRO A 305 -1.37 -13.81 -21.62
C PRO A 305 -2.86 -14.11 -21.69
N LYS A 306 -3.22 -15.39 -21.70
CA LYS A 306 -4.65 -15.67 -21.73
C LYS A 306 -5.29 -15.33 -20.39
N ILE A 307 -6.56 -14.88 -20.47
CA ILE A 307 -7.29 -14.50 -19.28
C ILE A 307 -8.33 -15.58 -18.95
N ALA A 308 -8.33 -16.06 -17.74
CA ALA A 308 -9.32 -17.04 -17.27
C ALA A 308 -9.32 -16.81 -15.76
N CYS A 309 -10.41 -16.35 -15.15
CA CYS A 309 -10.36 -15.95 -13.75
C CYS A 309 -10.24 -17.13 -12.82
N VAL A 310 -9.05 -17.28 -12.22
CA VAL A 310 -8.78 -18.36 -11.23
C VAL A 310 -8.79 -17.84 -9.78
N SER A 311 -8.12 -16.69 -9.53
CA SER A 311 -7.95 -16.18 -8.17
C SER A 311 -9.14 -15.35 -7.69
N ASN A 312 -10.02 -14.88 -8.59
CA ASN A 312 -11.17 -14.08 -8.18
C ASN A 312 -10.81 -12.98 -7.18
N CYS A 313 -9.85 -12.13 -7.60
CA CYS A 313 -9.22 -11.23 -6.65
C CYS A 313 -10.13 -10.06 -6.25
N VAL A 314 -10.90 -9.48 -7.18
CA VAL A 314 -11.64 -8.24 -6.86
C VAL A 314 -13.09 -8.31 -7.36
N ALA A 315 -14.01 -7.76 -6.57
CA ALA A 315 -15.41 -7.79 -6.97
C ALA A 315 -15.74 -7.00 -8.22
N PRO A 316 -15.18 -5.79 -8.47
CA PRO A 316 -15.58 -5.03 -9.67
C PRO A 316 -15.30 -5.74 -10.97
N CYS A 317 -14.33 -6.66 -11.00
CA CYS A 317 -14.01 -7.34 -12.25
C CYS A 317 -15.09 -8.31 -12.69
N ASN A 318 -15.89 -8.84 -11.76
CA ASN A 318 -16.90 -9.83 -12.14
C ASN A 318 -16.29 -11.06 -12.81
N ARG A 319 -15.30 -11.65 -12.13
CA ARG A 319 -14.72 -12.95 -12.50
C ARG A 319 -14.18 -12.95 -13.93
N GLY A 320 -13.56 -11.84 -14.33
CA GLY A 320 -12.87 -11.78 -15.61
C GLY A 320 -13.53 -10.83 -16.59
N GLU A 321 -14.76 -10.38 -16.34
CA GLU A 321 -15.41 -9.52 -17.31
C GLU A 321 -14.58 -8.29 -17.62
N GLU A 322 -14.13 -7.62 -16.55
CA GLU A 322 -13.43 -6.37 -16.78
C GLU A 322 -11.98 -6.62 -17.18
N ALA A 323 -11.39 -7.70 -16.66
CA ALA A 323 -10.03 -8.03 -17.09
C ALA A 323 -9.98 -8.22 -18.59
N LYS A 324 -10.96 -8.93 -19.18
CA LYS A 324 -10.97 -9.09 -20.63
C LYS A 324 -11.15 -7.78 -21.34
N LYS A 325 -11.97 -6.88 -20.78
CA LYS A 325 -12.18 -5.58 -21.45
C LYS A 325 -10.92 -4.73 -21.41
N VAL A 326 -10.21 -4.73 -20.29
CA VAL A 326 -9.05 -3.85 -20.20
C VAL A 326 -7.81 -4.56 -20.74
N GLY A 327 -7.85 -5.89 -20.89
CA GLY A 327 -6.81 -6.65 -21.54
C GLY A 327 -5.90 -7.45 -20.63
N TYR A 328 -6.02 -7.36 -19.30
CA TYR A 328 -5.12 -8.11 -18.45
C TYR A 328 -5.80 -8.39 -17.12
N CYS A 329 -5.35 -9.45 -16.47
CA CYS A 329 -5.75 -9.84 -15.13
C CYS A 329 -4.74 -9.30 -14.13
N ILE A 330 -5.20 -8.50 -13.16
CA ILE A 330 -4.18 -7.88 -12.28
C ILE A 330 -3.57 -8.86 -11.28
N ALA A 331 -4.35 -9.83 -10.82
CA ALA A 331 -3.82 -10.86 -9.93
C ALA A 331 -2.70 -11.64 -10.62
N ASP A 332 -2.97 -12.14 -11.84
CA ASP A 332 -1.99 -12.93 -12.56
C ASP A 332 -0.73 -12.14 -12.82
N GLY A 333 -0.87 -10.89 -13.23
CA GLY A 333 0.30 -10.10 -13.58
C GLY A 333 1.15 -9.78 -12.38
N LEU A 334 0.52 -9.34 -11.29
CA LEU A 334 1.30 -8.99 -10.10
C LEU A 334 1.95 -10.24 -9.48
N GLY A 335 1.24 -11.37 -9.48
CA GLY A 335 1.83 -12.60 -8.98
C GLY A 335 3.04 -13.03 -9.81
N ARG A 336 2.92 -12.95 -11.13
CA ARG A 336 4.04 -13.29 -11.99
C ARG A 336 5.25 -12.40 -11.65
N SER A 337 5.00 -11.12 -11.38
CA SER A 337 6.15 -10.27 -11.06
C SER A 337 6.83 -10.69 -9.77
N TYR A 338 6.05 -11.00 -8.74
CA TYR A 338 6.64 -11.45 -7.48
C TYR A 338 7.48 -12.72 -7.67
N LEU A 339 7.03 -13.63 -8.56
CA LEU A 339 7.71 -14.87 -8.92
C LEU A 339 8.88 -14.65 -9.87
N GLY A 340 9.11 -13.42 -10.30
CA GLY A 340 10.30 -13.03 -11.06
C GLY A 340 10.17 -12.97 -12.58
N ASN A 341 8.95 -13.01 -13.10
CA ASN A 341 8.67 -13.11 -14.53
C ASN A 341 8.71 -11.69 -15.14
N ARG A 342 9.81 -11.38 -15.84
CA ARG A 342 9.98 -10.07 -16.46
C ARG A 342 9.20 -9.95 -17.77
N GLU A 343 8.88 -11.07 -18.40
CA GLU A 343 8.23 -10.98 -19.70
C GLU A 343 6.75 -10.71 -19.54
N GLU A 344 6.11 -11.28 -18.52
CA GLU A 344 4.67 -11.18 -18.39
C GLU A 344 4.22 -10.55 -17.09
N GLY A 345 5.14 -10.13 -16.23
CA GLY A 345 4.75 -9.45 -15.02
C GLY A 345 4.16 -8.08 -15.28
N LEU A 346 3.37 -7.63 -14.29
CA LEU A 346 2.84 -6.27 -14.20
C LEU A 346 3.58 -5.51 -13.10
N TYR A 347 4.01 -4.28 -13.42
CA TYR A 347 4.87 -3.54 -12.52
C TYR A 347 4.26 -2.16 -12.27
N PHE A 348 4.15 -1.78 -11.00
CA PHE A 348 3.56 -0.49 -10.60
C PHE A 348 4.64 0.45 -10.04
N THR A 349 4.34 1.75 -10.03
CA THR A 349 5.26 2.74 -9.45
C THR A 349 4.50 4.03 -9.18
N GLY A 350 4.99 4.83 -8.21
CA GLY A 350 4.53 6.21 -8.13
C GLY A 350 5.14 7.03 -9.29
N ALA A 351 4.62 8.25 -9.46
CA ALA A 351 5.15 9.16 -10.47
C ALA A 351 6.64 9.38 -10.29
N ASN A 352 7.13 9.30 -9.07
CA ASN A 352 8.54 9.55 -8.79
C ASN A 352 9.46 8.34 -9.07
N GLY A 353 8.97 7.24 -9.64
CA GLY A 353 9.81 6.04 -9.75
C GLY A 353 11.09 6.26 -10.56
N TYR A 354 11.04 7.18 -11.53
CA TYR A 354 12.21 7.44 -12.37
C TYR A 354 13.36 8.09 -11.59
N ARG A 355 13.10 8.63 -10.40
CA ARG A 355 14.14 9.24 -9.60
C ARG A 355 14.97 8.23 -8.80
N VAL A 356 14.56 6.96 -8.81
CA VAL A 356 15.35 5.92 -8.16
C VAL A 356 16.58 5.64 -9.00
N ASP A 357 17.75 5.89 -8.45
CA ASP A 357 18.98 5.54 -9.13
C ASP A 357 19.62 4.39 -8.35
N LYS A 358 20.08 4.64 -7.15
CA LYS A 358 20.73 3.54 -6.45
C LYS A 358 19.70 2.84 -5.56
N ILE A 359 19.90 1.54 -5.32
CA ILE A 359 19.06 0.78 -4.39
C ILE A 359 19.77 0.83 -3.06
N ILE A 360 19.08 1.34 -2.05
CA ILE A 360 19.69 1.52 -0.74
C ILE A 360 18.95 0.70 0.30
N SER A 361 19.55 0.64 1.48
CA SER A 361 18.87 -0.11 2.53
C SER A 361 17.76 0.72 3.19
N VAL A 362 16.78 0.02 3.76
CA VAL A 362 15.75 0.69 4.54
C VAL A 362 16.38 1.55 5.64
N HIS A 363 17.40 1.02 6.32
CA HIS A 363 18.05 1.80 7.38
C HIS A 363 18.57 3.11 6.82
N GLU A 364 19.27 3.06 5.69
CA GLU A 364 19.83 4.27 5.11
C GLU A 364 18.72 5.22 4.67
N LEU A 365 17.63 4.68 4.12
CA LEU A 365 16.52 5.53 3.70
C LEU A 365 15.92 6.26 4.89
N ILE A 366 15.62 5.53 5.97
CA ILE A 366 15.00 6.19 7.13
C ILE A 366 15.97 7.22 7.71
N LYS A 367 17.26 6.94 7.70
CA LYS A 367 18.21 7.93 8.17
C LYS A 367 18.13 9.17 7.31
N GLU A 368 18.02 9.01 5.99
CA GLU A 368 17.93 10.16 5.10
C GLU A 368 16.68 10.97 5.40
N LEU A 369 15.57 10.28 5.62
CA LEU A 369 14.28 10.95 5.80
C LEU A 369 14.11 11.58 7.18
N THR A 370 14.88 11.14 8.18
CA THR A 370 14.62 11.55 9.56
C THR A 370 15.73 12.39 10.19
N GLU A 371 16.95 12.37 9.66
CA GLU A 371 18.03 13.11 10.32
C GLU A 371 17.72 14.61 10.33
N GLY A 372 18.01 15.28 11.45
CA GLY A 372 17.73 16.71 11.58
C GLY A 372 16.31 17.03 11.96
N1 FMN B . -1.87 1.12 -1.82
C2 FMN B . -2.83 0.30 -1.30
O2 FMN B . -3.64 0.78 -0.50
N3 FMN B . -2.83 -1.04 -1.60
C4 FMN B . -1.94 -1.56 -2.49
O4 FMN B . -1.94 -2.79 -2.74
C4A FMN B . -0.95 -0.75 -3.03
N5 FMN B . -0.02 -1.28 -3.92
C5A FMN B . 0.98 -0.44 -4.39
C6 FMN B . 1.98 -0.96 -5.20
C7 FMN B . 2.99 -0.17 -5.65
C7M FMN B . 4.04 -0.76 -6.55
C8 FMN B . 3.02 1.18 -5.32
C8M FMN B . 4.15 2.05 -5.84
C9 FMN B . 2.05 1.72 -4.50
C9A FMN B . 1.02 0.89 -3.99
N10 FMN B . 0.03 1.43 -3.14
C10 FMN B . -0.92 0.60 -2.67
C1' FMN B . -0.05 2.86 -2.69
C2' FMN B . 1.02 3.17 -1.65
O2' FMN B . 0.72 2.42 -0.51
C3' FMN B . 1.16 4.62 -1.29
O3' FMN B . -0.07 5.16 -0.77
C4' FMN B . 1.65 5.49 -2.47
O4' FMN B . 2.36 4.84 -3.54
C5' FMN B . 2.52 6.62 -1.90
O5' FMN B . 2.96 7.45 -2.95
P FMN B . 4.57 7.40 -3.30
O1P FMN B . 5.32 7.53 -2.00
O2P FMN B . 4.72 6.01 -3.92
O3P FMN B . 4.88 8.49 -4.29
FE1 SF4 C . -10.28 -12.74 -11.64
FE2 SF4 C . -10.42 -10.25 -12.61
FE3 SF4 C . -8.05 -11.54 -12.64
FE4 SF4 C . -8.99 -10.65 -10.38
S1 SF4 C . -8.42 -9.36 -12.21
S2 SF4 C . -8.26 -12.75 -10.68
S3 SF4 C . -11.21 -10.94 -10.57
S4 SF4 C . -9.86 -12.13 -13.79
CAA A1ELH D . -11.84 5.12 -3.79
CAB A1ELH D . -10.37 5.86 -1.78
CAG A1ELH D . -2.46 -4.56 -6.10
CAH A1ELH D . -8.05 4.13 -5.62
CAI A1ELH D . -3.41 -5.56 -6.38
CAJ A1ELH D . -6.86 4.32 -4.88
CAK A1ELH D . -2.89 -3.32 -5.61
CAL A1ELH D . -9.28 4.39 -5.02
CAM A1ELH D . -5.21 -4.03 -5.65
CAN A1ELH D . -8.15 5.08 -2.97
CAT A1ELH D . -4.60 -1.77 -4.80
CAU A1ELH D . -4.76 -5.26 -6.15
CAV A1ELH D . -6.89 4.81 -3.55
CAW A1ELH D . -4.27 -3.02 -5.37
CAX A1ELH D . -9.35 4.87 -3.69
CAY A1ELH D . -4.06 0.52 -4.60
CAZ A1ELH D . -4.56 2.41 -3.27
NAO A1ELH D . -3.31 1.60 -4.86
NAP A1ELH D . -3.63 2.58 -4.21
NAQ A1ELH D . -3.89 -0.70 -5.20
NAR A1ELH D . -5.72 4.97 -2.88
NBA A1ELH D . -10.51 5.19 -3.09
OAC A1ELH D . -5.48 -1.73 -3.92
OAD A1ELH D . -6.16 2.93 -1.38
OAE A1ELH D . -3.90 4.05 -1.37
SAS A1ELH D . -5.17 0.85 -3.31
SBB A1ELH D . -5.10 3.64 -2.14
BRAF A1ELH D . -6.07 -6.55 -6.50
#